data_4MDX
#
_entry.id   4MDX
#
_cell.length_a   66.793
_cell.length_b   69.885
_cell.length_c   79.209
_cell.angle_alpha   90.00
_cell.angle_beta   90.00
_cell.angle_gamma   90.00
#
_symmetry.space_group_name_H-M   'P 21 21 21'
#
loop_
_entity.id
_entity.type
_entity.pdbx_description
1 polymer 'mRNA interferase EndoA'
2 polymer 'RNA, mRNA'
3 non-polymer 'IODIDE ION'
4 non-polymer 'SODIUM ION'
5 water water
#
loop_
_entity_poly.entity_id
_entity_poly.type
_entity_poly.pdbx_seq_one_letter_code
_entity_poly.pdbx_strand_id
1 'polypeptide(L)'
;SMIVKRGDVYFADLSPVVGSEQGGVRPVLVIQNDIGNRFSPTAIVAAITAQIQKAKLPTHVEIDAKRYGFERDSVILLEQ
IRTIDKQRLTDKITHLDDEMMDKVDEALQISLALIDF
;
A,B
2 'polyribonucleotide' UU(DU)ACAUAA C
#
# COMPACT_ATOMS: atom_id res chain seq x y z
N SER A 1 17.15 -11.59 -3.74
CA SER A 1 15.75 -11.95 -3.57
C SER A 1 15.13 -12.40 -4.89
N MET A 2 14.04 -13.16 -4.79
CA MET A 2 13.32 -13.65 -5.95
C MET A 2 12.78 -12.49 -6.78
N ILE A 3 12.79 -12.64 -8.09
CA ILE A 3 12.19 -11.64 -8.96
C ILE A 3 10.69 -11.93 -9.09
N VAL A 4 9.88 -10.88 -9.01
CA VAL A 4 8.45 -11.03 -9.29
C VAL A 4 8.07 -9.97 -10.31
N LYS A 5 6.86 -10.09 -10.85
CA LYS A 5 6.41 -9.18 -11.89
C LYS A 5 5.06 -8.59 -11.51
N ARG A 6 4.84 -7.32 -11.84
CA ARG A 6 3.53 -6.71 -11.67
C ARG A 6 2.49 -7.52 -12.44
N GLY A 7 1.38 -7.84 -11.78
CA GLY A 7 0.40 -8.72 -12.40
C GLY A 7 0.46 -10.14 -11.86
N ASP A 8 1.58 -10.52 -11.24
CA ASP A 8 1.70 -11.84 -10.61
C ASP A 8 0.77 -11.96 -9.41
N VAL A 9 0.17 -13.14 -9.25
CA VAL A 9 -0.57 -13.47 -8.04
C VAL A 9 0.14 -14.60 -7.31
N TYR A 10 0.46 -14.39 -6.03
CA TYR A 10 1.16 -15.37 -5.21
C TYR A 10 0.35 -15.60 -3.93
N PHE A 11 0.48 -16.77 -3.31
CA PHE A 11 0.07 -16.88 -1.92
C PHE A 11 1.10 -16.13 -1.05
N ALA A 12 0.63 -15.48 0.01
CA ALA A 12 1.52 -14.79 0.93
C ALA A 12 0.94 -14.88 2.33
N ASP A 13 1.82 -15.00 3.33
CA ASP A 13 1.37 -15.01 4.72
C ASP A 13 1.46 -13.59 5.27
N LEU A 14 0.31 -12.95 5.44
CA LEU A 14 0.22 -11.55 5.88
C LEU A 14 0.14 -11.38 7.40
N SER A 15 0.14 -12.48 8.15
CA SER A 15 -0.03 -12.42 9.61
C SER A 15 1.26 -12.02 10.31
N PRO A 16 1.16 -11.49 11.55
CA PRO A 16 -0.09 -11.15 12.26
C PRO A 16 -0.47 -9.70 11.99
N VAL A 17 -1.75 -9.39 12.20
CA VAL A 17 -2.28 -8.07 11.90
C VAL A 17 -3.13 -7.54 13.04
N VAL A 18 -3.54 -6.28 12.92
CA VAL A 18 -4.29 -5.58 13.94
C VAL A 18 -5.66 -5.20 13.40
N GLY A 19 -6.70 -5.41 14.21
CA GLY A 19 -8.03 -4.89 13.90
C GLY A 19 -8.60 -5.35 12.56
N SER A 20 -8.98 -4.40 11.72
CA SER A 20 -9.61 -4.73 10.45
C SER A 20 -8.64 -4.91 9.28
N GLU A 21 -7.34 -4.98 9.57
CA GLU A 21 -6.35 -5.32 8.55
C GLU A 21 -6.58 -6.75 8.06
N GLN A 22 -6.24 -7.01 6.79
CA GLN A 22 -6.36 -8.35 6.23
C GLN A 22 -5.13 -9.18 6.59
N GLY A 23 -5.35 -10.32 7.22
CA GLY A 23 -4.28 -11.19 7.63
C GLY A 23 -4.38 -12.56 7.00
N GLY A 24 -3.58 -13.50 7.51
CA GLY A 24 -3.64 -14.87 7.05
C GLY A 24 -2.87 -15.12 5.77
N VAL A 25 -2.86 -16.40 5.38
CA VAL A 25 -2.30 -16.82 4.11
C VAL A 25 -3.40 -16.66 3.07
N ARG A 26 -3.12 -15.88 2.03
CA ARG A 26 -4.13 -15.60 1.01
C ARG A 26 -3.43 -15.24 -0.30
N PRO A 27 -4.18 -15.27 -1.41
CA PRO A 27 -3.58 -14.76 -2.64
C PRO A 27 -3.39 -13.25 -2.53
N VAL A 28 -2.29 -12.77 -3.12
CA VAL A 28 -2.02 -11.34 -3.20
C VAL A 28 -1.54 -11.00 -4.62
N LEU A 29 -1.89 -9.81 -5.08
CA LEU A 29 -1.52 -9.34 -6.42
C LEU A 29 -0.38 -8.34 -6.34
N VAL A 30 0.69 -8.61 -7.10
CA VAL A 30 1.82 -7.68 -7.13
C VAL A 30 1.45 -6.43 -7.93
N ILE A 31 1.56 -5.26 -7.29
CA ILE A 31 1.19 -3.98 -7.91
C ILE A 31 2.36 -2.99 -7.95
N GLN A 32 3.48 -3.34 -7.34
CA GLN A 32 4.71 -2.54 -7.50
C GLN A 32 5.25 -2.58 -8.93
N ASN A 33 5.89 -1.49 -9.36
CA ASN A 33 6.59 -1.43 -10.64
C ASN A 33 7.69 -2.49 -10.73
N ASP A 34 8.03 -2.89 -11.95
CA ASP A 34 8.97 -3.99 -12.14
C ASP A 34 10.44 -3.67 -11.87
N ILE A 35 10.78 -2.39 -11.75
CA ILE A 35 12.15 -2.03 -11.41
C ILE A 35 12.36 -2.35 -9.92
N GLY A 36 11.47 -1.85 -9.07
CA GLY A 36 11.48 -2.26 -7.67
C GLY A 36 11.35 -3.77 -7.51
N ASN A 37 10.49 -4.41 -8.30
CA ASN A 37 10.33 -5.85 -8.19
C ASN A 37 11.61 -6.64 -8.49
N ARG A 38 12.48 -6.05 -9.31
CA ARG A 38 13.75 -6.68 -9.65
C ARG A 38 14.82 -6.41 -8.60
N PHE A 39 14.89 -5.18 -8.11
CA PHE A 39 16.03 -4.79 -7.28
C PHE A 39 15.78 -4.83 -5.77
N SER A 40 14.53 -4.78 -5.36
CA SER A 40 14.21 -4.63 -3.94
C SER A 40 13.95 -5.95 -3.24
N PRO A 41 14.23 -6.04 -1.94
CA PRO A 41 13.80 -7.22 -1.18
C PRO A 41 12.30 -7.23 -0.94
N THR A 42 11.63 -6.12 -1.24
CA THR A 42 10.20 -5.98 -0.96
C THR A 42 9.37 -5.83 -2.23
N ALA A 43 8.11 -6.24 -2.15
CA ALA A 43 7.15 -6.00 -3.21
C ALA A 43 5.98 -5.27 -2.60
N ILE A 44 5.16 -4.63 -3.42
CA ILE A 44 3.90 -4.06 -2.93
C ILE A 44 2.77 -4.89 -3.51
N VAL A 45 1.80 -5.27 -2.66
CA VAL A 45 0.75 -6.19 -3.09
C VAL A 45 -0.62 -5.72 -2.63
N ALA A 46 -1.66 -6.24 -3.28
CA ALA A 46 -3.04 -6.04 -2.84
C ALA A 46 -3.60 -7.38 -2.38
N ALA A 47 -4.36 -7.34 -1.28
CA ALA A 47 -5.01 -8.54 -0.76
C ALA A 47 -6.17 -9.01 -1.63
N ILE A 48 -6.31 -10.34 -1.72
CA ILE A 48 -7.45 -10.95 -2.40
C ILE A 48 -8.23 -11.76 -1.39
N THR A 49 -9.57 -11.73 -1.51
CA THR A 49 -10.47 -12.45 -0.61
C THR A 49 -11.55 -13.18 -1.41
N ALA A 50 -12.14 -14.19 -0.79
CA ALA A 50 -13.30 -14.87 -1.38
C ALA A 50 -14.53 -14.69 -0.50
N GLN A 51 -14.43 -13.83 0.50
CA GLN A 51 -15.56 -13.62 1.40
C GLN A 51 -16.66 -12.84 0.68
N ILE A 52 -16.25 -12.09 -0.34
CA ILE A 52 -17.18 -11.56 -1.33
C ILE A 52 -16.80 -12.06 -2.73
N GLN A 53 -17.77 -12.19 -3.63
CA GLN A 53 -17.49 -12.56 -5.02
C GLN A 53 -17.84 -11.42 -5.96
N LYS A 54 -18.61 -10.45 -5.44
CA LYS A 54 -18.98 -9.27 -6.22
C LYS A 54 -18.42 -8.01 -5.58
N ALA A 55 -17.93 -7.10 -6.41
CA ALA A 55 -17.43 -5.80 -5.97
C ALA A 55 -18.48 -5.02 -5.18
N LYS A 56 -18.05 -4.45 -4.05
CA LYS A 56 -18.91 -3.61 -3.21
CA LYS A 56 -18.92 -3.61 -3.24
C LYS A 56 -18.52 -2.15 -3.38
N LEU A 57 -17.23 -1.92 -3.64
CA LEU A 57 -16.64 -0.60 -3.72
C LEU A 57 -15.97 -0.43 -5.07
N PRO A 58 -15.70 0.83 -5.48
CA PRO A 58 -14.98 1.06 -6.74
C PRO A 58 -13.51 0.69 -6.64
N THR A 59 -13.08 0.31 -5.43
CA THR A 59 -11.71 -0.17 -5.22
C THR A 59 -11.63 -1.69 -5.31
N HIS A 60 -12.73 -2.32 -5.72
CA HIS A 60 -12.78 -3.78 -5.85
C HIS A 60 -12.74 -4.24 -7.29
N VAL A 61 -11.98 -5.31 -7.56
CA VAL A 61 -11.99 -5.94 -8.88
C VAL A 61 -12.26 -7.43 -8.73
N GLU A 62 -13.35 -7.90 -9.34
CA GLU A 62 -13.73 -9.32 -9.29
C GLU A 62 -12.83 -10.21 -10.14
N ILE A 63 -12.53 -11.40 -9.63
CA ILE A 63 -11.77 -12.39 -10.38
C ILE A 63 -12.65 -13.60 -10.66
N ASP A 64 -12.87 -13.89 -11.94
CA ASP A 64 -13.57 -15.12 -12.32
C ASP A 64 -12.61 -16.29 -12.20
N ALA A 65 -12.91 -17.24 -11.31
CA ALA A 65 -11.96 -18.28 -10.95
C ALA A 65 -11.60 -19.19 -12.12
N LYS A 66 -12.61 -19.59 -12.88
CA LYS A 66 -12.38 -20.50 -14.00
C LYS A 66 -11.49 -19.86 -15.08
N ARG A 67 -11.76 -18.60 -15.39
CA ARG A 67 -10.99 -17.92 -16.42
C ARG A 67 -9.55 -17.63 -16.00
N TYR A 68 -9.34 -17.32 -14.73
CA TYR A 68 -8.03 -16.86 -14.28
C TYR A 68 -7.24 -17.87 -13.44
N GLY A 69 -7.82 -19.05 -13.23
CA GLY A 69 -7.10 -20.14 -12.58
C GLY A 69 -7.10 -20.12 -11.07
N PHE A 70 -8.21 -19.67 -10.47
CA PHE A 70 -8.35 -19.68 -9.01
C PHE A 70 -9.23 -20.82 -8.52
N GLU A 71 -9.09 -21.17 -7.25
CA GLU A 71 -9.95 -22.17 -6.63
C GLU A 71 -11.41 -21.71 -6.54
N ARG A 72 -11.63 -20.44 -6.19
CA ARG A 72 -13.00 -19.92 -6.18
C ARG A 72 -13.06 -18.46 -6.58
N ASP A 73 -14.26 -18.00 -6.94
CA ASP A 73 -14.44 -16.60 -7.33
C ASP A 73 -13.98 -15.69 -6.20
N SER A 74 -13.18 -14.70 -6.55
CA SER A 74 -12.50 -13.88 -5.55
C SER A 74 -12.60 -12.41 -5.92
N VAL A 75 -12.15 -11.55 -5.02
CA VAL A 75 -12.15 -10.11 -5.28
C VAL A 75 -10.82 -9.52 -4.82
N ILE A 76 -10.22 -8.69 -5.66
CA ILE A 76 -9.00 -7.96 -5.32
C ILE A 76 -9.40 -6.66 -4.61
N LEU A 77 -8.80 -6.43 -3.44
CA LEU A 77 -9.13 -5.29 -2.59
C LEU A 77 -8.06 -4.21 -2.73
N LEU A 78 -8.31 -3.22 -3.59
CA LEU A 78 -7.28 -2.21 -3.79
C LEU A 78 -7.30 -1.16 -2.68
N GLU A 79 -8.20 -1.34 -1.71
CA GLU A 79 -8.13 -0.59 -0.47
C GLU A 79 -7.33 -1.33 0.61
N GLN A 80 -6.83 -2.53 0.31
CA GLN A 80 -6.02 -3.29 1.26
C GLN A 80 -4.68 -3.62 0.61
N ILE A 81 -3.77 -2.66 0.62
CA ILE A 81 -2.47 -2.81 -0.02
C ILE A 81 -1.32 -2.65 0.96
N ARG A 82 -0.20 -3.29 0.68
CA ARG A 82 0.89 -3.37 1.63
CA ARG A 82 0.95 -3.17 1.57
C ARG A 82 2.23 -3.68 0.96
N THR A 83 3.31 -3.05 1.41
CA THR A 83 4.66 -3.48 1.06
C THR A 83 4.99 -4.66 1.94
N ILE A 84 5.38 -5.77 1.32
CA ILE A 84 5.80 -6.96 2.07
C ILE A 84 7.20 -7.39 1.64
N ASP A 85 7.96 -7.93 2.57
CA ASP A 85 9.20 -8.57 2.19
C ASP A 85 8.87 -9.82 1.39
N LYS A 86 9.64 -10.08 0.34
CA LYS A 86 9.40 -11.22 -0.53
C LYS A 86 9.42 -12.56 0.20
N GLN A 87 10.01 -12.63 1.40
CA GLN A 87 10.03 -13.86 2.20
CA GLN A 87 10.03 -13.93 2.07
C GLN A 87 8.63 -14.39 2.49
N ARG A 88 7.66 -13.47 2.51
CA ARG A 88 6.30 -13.84 2.83
C ARG A 88 5.64 -14.62 1.71
N LEU A 89 6.16 -14.48 0.49
CA LEU A 89 5.58 -15.17 -0.66
C LEU A 89 5.85 -16.67 -0.63
N THR A 90 4.87 -17.45 -1.06
CA THR A 90 5.10 -18.86 -1.31
C THR A 90 4.96 -19.26 -2.77
N ASP A 91 3.80 -19.78 -3.15
CA ASP A 91 3.62 -20.34 -4.49
C ASP A 91 2.97 -19.31 -5.41
N LYS A 92 3.45 -19.24 -6.64
CA LYS A 92 2.82 -18.41 -7.65
C LYS A 92 1.55 -19.10 -8.13
N ILE A 93 0.47 -18.35 -8.19
CA ILE A 93 -0.83 -18.87 -8.63
C ILE A 93 -1.03 -18.64 -10.12
N THR A 94 -0.85 -17.40 -10.56
CA THR A 94 -1.10 -17.04 -11.95
C THR A 94 -0.54 -15.64 -12.23
N HIS A 95 -0.80 -15.15 -13.43
CA HIS A 95 -0.43 -13.78 -13.82
C HIS A 95 -1.63 -13.20 -14.56
N LEU A 96 -2.10 -12.04 -14.12
CA LEU A 96 -3.34 -11.46 -14.67
C LEU A 96 -3.09 -10.73 -15.98
N ASP A 97 -4.04 -10.83 -16.91
CA ASP A 97 -3.90 -10.20 -18.22
C ASP A 97 -4.16 -8.70 -18.17
N ASP A 98 -4.00 -8.04 -19.32
CA ASP A 98 -4.14 -6.59 -19.39
C ASP A 98 -5.56 -6.11 -19.10
N GLU A 99 -6.56 -6.88 -19.52
CA GLU A 99 -7.95 -6.52 -19.24
C GLU A 99 -8.15 -6.38 -17.73
N MET A 100 -7.66 -7.36 -16.98
CA MET A 100 -7.77 -7.32 -15.53
C MET A 100 -6.91 -6.22 -14.92
N MET A 101 -5.68 -6.09 -15.39
CA MET A 101 -4.79 -5.10 -14.79
C MET A 101 -5.22 -3.66 -15.09
N ASP A 102 -5.91 -3.44 -16.20
CA ASP A 102 -6.47 -2.12 -16.47
C ASP A 102 -7.53 -1.78 -15.42
N LYS A 103 -8.33 -2.78 -15.04
CA LYS A 103 -9.33 -2.58 -13.99
C LYS A 103 -8.66 -2.34 -12.64
N VAL A 104 -7.60 -3.10 -12.36
CA VAL A 104 -6.81 -2.92 -11.14
C VAL A 104 -6.25 -1.51 -11.07
N ASP A 105 -5.69 -1.03 -12.19
CA ASP A 105 -5.08 0.31 -12.21
C ASP A 105 -6.12 1.39 -11.90
N GLU A 106 -7.30 1.28 -12.50
CA GLU A 106 -8.37 2.25 -12.22
C GLU A 106 -8.80 2.20 -10.75
N ALA A 107 -8.94 1.01 -10.21
CA ALA A 107 -9.31 0.85 -8.80
C ALA A 107 -8.26 1.44 -7.86
N LEU A 108 -6.99 1.24 -8.21
CA LEU A 108 -5.88 1.76 -7.43
CA LEU A 108 -5.89 1.77 -7.42
C LEU A 108 -5.88 3.29 -7.45
N GLN A 109 -6.11 3.86 -8.62
CA GLN A 109 -6.16 5.31 -8.76
C GLN A 109 -7.30 5.89 -7.92
N ILE A 110 -8.44 5.21 -7.89
CA ILE A 110 -9.55 5.68 -7.06
C ILE A 110 -9.18 5.54 -5.58
N SER A 111 -8.63 4.39 -5.22
CA SER A 111 -8.25 4.12 -3.84
C SER A 111 -7.31 5.19 -3.27
N LEU A 112 -6.38 5.63 -4.11
CA LEU A 112 -5.33 6.55 -3.67
C LEU A 112 -5.55 7.99 -4.12
N ALA A 113 -6.75 8.30 -4.61
CA ALA A 113 -7.09 9.66 -5.06
C ALA A 113 -6.12 10.23 -6.10
N LEU A 114 -5.73 9.40 -7.07
CA LEU A 114 -4.80 9.79 -8.12
C LEU A 114 -5.54 10.11 -9.41
N ILE A 115 -6.85 9.84 -9.38
CA ILE A 115 -7.76 10.23 -10.44
C ILE A 115 -7.68 11.72 -10.74
N SER B 1 -14.95 4.77 13.69
CA SER B 1 -13.52 5.00 13.60
C SER B 1 -13.24 6.50 13.39
N MET B 2 -12.08 6.96 13.82
CA MET B 2 -11.69 8.37 13.73
CA MET B 2 -11.80 8.38 13.74
C MET B 2 -11.58 8.85 12.30
N ILE B 3 -11.98 10.09 12.04
CA ILE B 3 -11.81 10.67 10.72
C ILE B 3 -10.36 11.10 10.53
N VAL B 4 -9.75 10.64 9.45
CA VAL B 4 -8.45 11.11 9.04
C VAL B 4 -8.58 11.62 7.62
N LYS B 5 -7.59 12.38 7.18
CA LYS B 5 -7.64 13.03 5.89
C LYS B 5 -6.37 12.72 5.11
N ARG B 6 -6.52 12.62 3.80
CA ARG B 6 -5.35 12.44 2.93
C ARG B 6 -4.46 13.66 3.11
N GLY B 7 -3.17 13.43 3.32
CA GLY B 7 -2.24 14.51 3.62
C GLY B 7 -1.89 14.60 5.10
N ASP B 8 -2.69 13.98 5.96
CA ASP B 8 -2.39 13.97 7.39
C ASP B 8 -1.14 13.13 7.65
N VAL B 9 -0.34 13.57 8.62
CA VAL B 9 0.80 12.79 9.09
C VAL B 9 0.61 12.48 10.57
N TYR B 10 0.63 11.19 10.91
CA TYR B 10 0.45 10.69 12.27
C TYR B 10 1.61 9.79 12.65
N PHE B 11 1.93 9.70 13.93
CA PHE B 11 2.79 8.59 14.38
C PHE B 11 1.98 7.28 14.39
N ALA B 12 2.66 6.17 14.12
CA ALA B 12 2.04 4.85 14.17
C ALA B 12 3.15 3.82 14.38
N ASP B 13 2.85 2.74 15.09
CA ASP B 13 3.78 1.63 15.21
C ASP B 13 3.53 0.63 14.08
N LEU B 14 4.49 0.51 13.18
CA LEU B 14 4.37 -0.38 12.03
C LEU B 14 4.88 -1.79 12.35
N SER B 15 5.52 -1.94 13.52
CA SER B 15 5.96 -3.26 13.96
C SER B 15 4.76 -4.09 14.42
N PRO B 16 4.87 -5.42 14.37
CA PRO B 16 6.01 -6.23 13.94
C PRO B 16 6.14 -6.28 12.41
N VAL B 17 7.38 -6.48 11.95
CA VAL B 17 7.66 -6.58 10.53
C VAL B 17 8.58 -7.75 10.24
N VAL B 18 8.60 -8.16 8.97
CA VAL B 18 9.49 -9.20 8.46
CA VAL B 18 9.57 -9.15 8.55
C VAL B 18 10.47 -8.54 7.49
N GLY B 19 11.73 -8.96 7.51
CA GLY B 19 12.71 -8.49 6.55
C GLY B 19 12.81 -6.99 6.47
N SER B 20 12.71 -6.45 5.25
CA SER B 20 12.92 -5.03 5.01
C SER B 20 11.61 -4.23 4.89
N GLU B 21 10.54 -4.73 5.49
CA GLU B 21 9.35 -3.92 5.72
C GLU B 21 9.70 -2.85 6.76
N GLN B 22 9.35 -1.59 6.48
CA GLN B 22 9.73 -0.49 7.39
C GLN B 22 9.07 -0.68 8.76
N GLY B 23 9.88 -0.78 9.80
CA GLY B 23 9.39 -1.10 11.13
C GLY B 23 9.40 0.05 12.10
N GLY B 24 8.84 -0.21 13.29
CA GLY B 24 8.92 0.71 14.41
C GLY B 24 7.89 1.82 14.41
N VAL B 25 7.92 2.61 15.48
CA VAL B 25 7.08 3.80 15.60
C VAL B 25 7.72 4.92 14.76
N ARG B 26 6.91 5.54 13.91
CA ARG B 26 7.43 6.60 13.01
C ARG B 26 6.26 7.37 12.44
N PRO B 27 6.54 8.54 11.84
CA PRO B 27 5.44 9.24 11.15
C PRO B 27 5.01 8.46 9.91
N VAL B 28 3.72 8.51 9.62
CA VAL B 28 3.17 7.93 8.40
C VAL B 28 2.23 8.96 7.75
N LEU B 29 2.21 8.98 6.42
CA LEU B 29 1.38 9.89 5.65
C LEU B 29 0.16 9.18 5.10
N VAL B 30 -1.03 9.71 5.37
CA VAL B 30 -2.26 9.13 4.84
C VAL B 30 -2.37 9.42 3.34
N ILE B 31 -2.46 8.34 2.54
CA ILE B 31 -2.56 8.46 1.09
C ILE B 31 -3.87 7.90 0.52
N GLN B 32 -4.68 7.26 1.36
CA GLN B 32 -6.00 6.82 0.92
C GLN B 32 -6.92 8.02 0.66
N ASN B 33 -7.85 7.88 -0.30
CA ASN B 33 -8.85 8.92 -0.57
C ASN B 33 -9.73 9.18 0.65
N ASP B 34 -10.33 10.36 0.70
CA ASP B 34 -11.09 10.76 1.88
C ASP B 34 -12.44 10.09 2.07
N ILE B 35 -12.97 9.48 1.01
CA ILE B 35 -14.22 8.72 1.14
C ILE B 35 -13.91 7.45 1.92
N GLY B 36 -12.88 6.72 1.50
CA GLY B 36 -12.37 5.60 2.27
C GLY B 36 -11.95 5.98 3.68
N ASN B 37 -11.31 7.13 3.83
CA ASN B 37 -10.89 7.57 5.16
C ASN B 37 -12.06 7.80 6.11
N ARG B 38 -13.21 8.18 5.55
CA ARG B 38 -14.42 8.39 6.34
C ARG B 38 -15.14 7.08 6.68
N PHE B 39 -15.28 6.21 5.70
CA PHE B 39 -16.16 5.04 5.85
C PHE B 39 -15.47 3.73 6.24
N SER B 40 -14.15 3.68 6.13
CA SER B 40 -13.40 2.45 6.41
CA SER B 40 -13.42 2.46 6.43
C SER B 40 -12.70 2.55 7.77
N PRO B 41 -12.54 1.40 8.46
CA PRO B 41 -11.78 1.39 9.71
C PRO B 41 -10.26 1.38 9.49
N THR B 42 -9.82 1.25 8.23
CA THR B 42 -8.39 1.25 7.92
C THR B 42 -8.00 2.47 7.11
N ALA B 43 -6.73 2.85 7.21
CA ALA B 43 -6.16 3.92 6.41
C ALA B 43 -4.94 3.41 5.65
N ILE B 44 -4.82 3.82 4.39
CA ILE B 44 -3.63 3.48 3.61
C ILE B 44 -2.62 4.61 3.86
N VAL B 45 -1.40 4.22 4.24
CA VAL B 45 -0.37 5.19 4.60
C VAL B 45 0.97 4.83 3.96
N ALA B 46 1.86 5.82 3.93
CA ALA B 46 3.24 5.61 3.52
C ALA B 46 4.17 5.95 4.67
N ALA B 47 5.19 5.12 4.88
CA ALA B 47 6.15 5.32 5.97
C ALA B 47 7.08 6.51 5.71
N ILE B 48 7.45 7.18 6.80
CA ILE B 48 8.41 8.28 6.74
C ILE B 48 9.62 7.92 7.60
N THR B 49 10.80 8.33 7.15
CA THR B 49 12.05 8.05 7.85
C THR B 49 12.93 9.30 7.92
N ALA B 50 13.89 9.31 8.84
CA ALA B 50 14.78 10.46 8.91
C ALA B 50 16.14 10.17 8.35
N GLN B 51 16.30 9.05 7.67
CA GLN B 51 17.62 8.72 7.13
C GLN B 51 17.76 9.35 5.74
N ILE B 52 18.16 10.62 5.74
CA ILE B 52 18.22 11.43 4.53
C ILE B 52 19.54 11.25 3.80
N GLN B 53 20.40 10.41 4.37
CA GLN B 53 21.74 10.17 3.83
C GLN B 53 21.72 9.09 2.75
N LYS B 54 20.64 8.31 2.70
CA LYS B 54 20.49 7.25 1.70
C LYS B 54 20.21 7.83 0.31
N ALA B 55 20.64 7.13 -0.74
CA ALA B 55 20.42 7.57 -2.12
C ALA B 55 18.94 7.79 -2.39
N LYS B 56 18.59 8.89 -3.05
CA LYS B 56 17.18 9.18 -3.29
C LYS B 56 16.62 8.40 -4.48
N LEU B 57 15.73 7.45 -4.18
CA LEU B 57 15.02 6.70 -5.19
C LEU B 57 13.89 7.52 -5.77
N PRO B 58 13.38 7.13 -6.96
CA PRO B 58 12.27 7.91 -7.53
C PRO B 58 10.97 7.81 -6.73
N THR B 59 10.90 6.90 -5.77
CA THR B 59 9.75 6.75 -4.90
C THR B 59 9.90 7.53 -3.59
N HIS B 60 10.96 8.33 -3.49
CA HIS B 60 11.24 9.10 -2.28
C HIS B 60 10.88 10.58 -2.44
N VAL B 61 10.24 11.13 -1.43
CA VAL B 61 9.95 12.56 -1.41
C VAL B 61 10.52 13.18 -0.14
N GLU B 62 11.37 14.19 -0.30
CA GLU B 62 12.02 14.86 0.84
C GLU B 62 11.11 15.87 1.52
N ILE B 63 11.15 15.89 2.85
CA ILE B 63 10.41 16.88 3.65
C ILE B 63 11.39 17.79 4.38
N ASP B 64 11.34 19.08 4.09
CA ASP B 64 12.11 20.06 4.83
C ASP B 64 11.43 20.30 6.17
N ALA B 65 12.11 19.97 7.27
CA ALA B 65 11.50 20.04 8.59
C ALA B 65 11.15 21.44 9.04
N LYS B 66 11.96 22.42 8.67
CA LYS B 66 11.65 23.79 9.10
C LYS B 66 10.35 24.26 8.45
N ARG B 67 10.21 24.04 7.15
CA ARG B 67 9.01 24.47 6.45
C ARG B 67 7.76 23.71 6.91
N TYR B 68 7.89 22.39 7.09
CA TYR B 68 6.72 21.54 7.33
C TYR B 68 6.45 21.18 8.79
N GLY B 69 7.28 21.68 9.72
CA GLY B 69 7.03 21.45 11.14
C GLY B 69 7.32 20.04 11.63
N PHE B 70 8.35 19.42 11.08
CA PHE B 70 8.79 18.10 11.53
C PHE B 70 9.93 18.27 12.52
N GLU B 71 10.34 17.18 13.15
CA GLU B 71 11.37 17.24 14.18
C GLU B 71 12.76 17.28 13.53
N ARG B 72 12.86 16.72 12.32
CA ARG B 72 14.13 16.63 11.59
C ARG B 72 13.79 16.42 10.12
N ASP B 73 14.71 16.76 9.21
CA ASP B 73 14.46 16.54 7.79
C ASP B 73 14.14 15.06 7.58
N SER B 74 13.15 14.79 6.74
CA SER B 74 12.64 13.43 6.62
C SER B 74 12.42 13.05 5.16
N VAL B 75 12.12 11.77 4.93
CA VAL B 75 11.84 11.26 3.59
C VAL B 75 10.60 10.40 3.64
N ILE B 76 9.65 10.67 2.74
CA ILE B 76 8.48 9.83 2.57
C ILE B 76 8.82 8.71 1.61
N LEU B 77 8.61 7.47 2.06
CA LEU B 77 8.99 6.27 1.31
C LEU B 77 7.77 5.70 0.60
N LEU B 78 7.53 6.10 -0.65
CA LEU B 78 6.32 5.63 -1.33
C LEU B 78 6.46 4.19 -1.80
N GLU B 79 7.62 3.60 -1.58
CA GLU B 79 7.80 2.15 -1.77
C GLU B 79 7.45 1.38 -0.50
N GLN B 80 7.14 2.09 0.58
CA GLN B 80 6.80 1.47 1.87
C GLN B 80 5.39 1.88 2.29
N ILE B 81 4.42 1.13 1.80
CA ILE B 81 3.02 1.40 2.02
CA ILE B 81 3.01 1.39 2.01
C ILE B 81 2.43 0.36 2.98
N ARG B 82 1.50 0.79 3.83
CA ARG B 82 0.78 -0.13 4.72
C ARG B 82 -0.68 0.29 4.75
N THR B 83 -1.59 -0.68 4.79
CA THR B 83 -2.97 -0.38 5.12
C THR B 83 -3.15 -0.82 6.56
N ILE B 84 -3.40 0.15 7.43
CA ILE B 84 -3.42 -0.12 8.86
C ILE B 84 -4.73 0.27 9.50
N ASP B 85 -5.11 -0.46 10.53
CA ASP B 85 -6.28 -0.08 11.29
C ASP B 85 -6.03 1.29 11.92
N LYS B 86 -7.05 2.15 11.93
CA LYS B 86 -6.89 3.49 12.48
C LYS B 86 -6.47 3.51 13.95
N GLN B 87 -6.68 2.40 14.66
CA GLN B 87 -6.26 2.34 16.07
C GLN B 87 -4.74 2.43 16.23
N ARG B 88 -3.99 2.18 15.16
CA ARG B 88 -2.54 2.31 15.19
C ARG B 88 -2.10 3.76 15.23
N LEU B 89 -2.96 4.65 14.74
CA LEU B 89 -2.56 6.05 14.64
C LEU B 89 -2.58 6.68 16.02
N THR B 90 -1.50 7.37 16.37
CA THR B 90 -1.45 8.06 17.65
C THR B 90 -1.47 9.58 17.53
N ASP B 91 -0.30 10.21 17.62
CA ASP B 91 -0.22 11.67 17.64
C ASP B 91 -0.22 12.22 16.22
N LYS B 92 -1.02 13.25 15.98
CA LYS B 92 -0.99 13.93 14.69
C LYS B 92 0.11 14.98 14.67
N ILE B 93 0.97 14.92 13.65
CA ILE B 93 2.05 15.89 13.50
C ILE B 93 1.59 17.12 12.74
N THR B 94 1.05 16.93 11.54
CA THR B 94 0.67 18.05 10.69
C THR B 94 -0.16 17.55 9.51
N HIS B 95 -0.45 18.46 8.58
CA HIS B 95 -1.12 18.12 7.33
C HIS B 95 -0.31 18.74 6.19
N LEU B 96 0.10 17.93 5.23
CA LEU B 96 0.99 18.41 4.16
C LEU B 96 0.23 19.19 3.09
N ASP B 97 0.85 20.25 2.59
CA ASP B 97 0.20 21.13 1.63
C ASP B 97 0.15 20.55 0.21
N ASP B 98 -0.53 21.23 -0.69
CA ASP B 98 -0.75 20.69 -2.03
C ASP B 98 0.55 20.55 -2.82
N GLU B 99 1.47 21.47 -2.63
CA GLU B 99 2.78 21.39 -3.29
C GLU B 99 3.49 20.08 -2.92
N MET B 100 3.47 19.74 -1.64
CA MET B 100 4.05 18.48 -1.20
C MET B 100 3.27 17.27 -1.71
N MET B 101 1.94 17.33 -1.60
CA MET B 101 1.14 16.20 -2.03
C MET B 101 1.22 15.94 -3.54
N ASP B 102 1.46 16.98 -4.34
CA ASP B 102 1.69 16.77 -5.78
C ASP B 102 2.95 15.92 -6.01
N LYS B 103 3.99 16.16 -5.22
CA LYS B 103 5.20 15.34 -5.31
C LYS B 103 4.96 13.92 -4.83
N VAL B 104 4.18 13.77 -3.76
CA VAL B 104 3.78 12.45 -3.26
C VAL B 104 3.01 11.69 -4.34
N ASP B 105 2.07 12.36 -5.01
CA ASP B 105 1.28 11.71 -6.07
C ASP B 105 2.17 11.19 -7.18
N GLU B 106 3.14 12.01 -7.62
CA GLU B 106 4.08 11.60 -8.65
C GLU B 106 4.89 10.36 -8.22
N ALA B 107 5.38 10.37 -6.99
CA ALA B 107 6.20 9.27 -6.49
C ALA B 107 5.37 7.99 -6.35
N LEU B 108 4.11 8.16 -5.94
CA LEU B 108 3.20 7.03 -5.80
CA LEU B 108 3.17 7.04 -5.82
C LEU B 108 2.86 6.42 -7.16
N GLN B 109 2.70 7.27 -8.17
CA GLN B 109 2.45 6.78 -9.52
C GLN B 109 3.65 5.98 -10.04
N ILE B 110 4.86 6.43 -9.71
CA ILE B 110 6.05 5.69 -10.09
C ILE B 110 6.11 4.36 -9.32
N SER B 111 5.91 4.42 -8.01
CA SER B 111 5.93 3.23 -7.17
C SER B 111 5.00 2.12 -7.67
N LEU B 112 3.80 2.51 -8.08
CA LEU B 112 2.76 1.55 -8.46
C LEU B 112 2.56 1.42 -9.97
N ALA B 113 3.51 1.94 -10.75
CA ALA B 113 3.47 1.88 -12.21
C ALA B 113 2.15 2.39 -12.79
N LEU B 114 1.76 3.57 -12.32
CA LEU B 114 0.55 4.23 -12.79
C LEU B 114 0.89 5.53 -13.53
N ILE B 115 2.07 5.58 -14.14
CA ILE B 115 2.48 6.77 -14.91
C ILE B 115 1.87 6.81 -16.30
#